data_6H8O
#
_entry.id   6H8O
#
_cell.length_a   94.230
_cell.length_b   94.230
_cell.length_c   45.610
_cell.angle_alpha   90.00
_cell.angle_beta   90.00
_cell.angle_gamma   120.00
#
_symmetry.space_group_name_H-M   'P 65'
#
loop_
_entity.id
_entity.type
_entity.pdbx_description
1 polymer 'Replication-associated protein'
2 non-polymer 'SULFATE ION'
3 water water
#
_entity_poly.entity_id   1
_entity_poly.type   'polypeptide(L)'
_entity_poly.pdbx_seq_one_letter_code
;ARQVICWCFTLNNPLSPLSLHDSMKYLVYQTEQGEAGNIHFQGYIEMKKRTSLAGMKKLIPGAHFEKRRGTQGEARAYSM
KEDTRLEGPWEYGEL
;
_entity_poly.pdbx_strand_id   A,B
#
loop_
_chem_comp.id
_chem_comp.type
_chem_comp.name
_chem_comp.formula
SO4 non-polymer 'SULFATE ION' 'O4 S -2'
#
# COMPACT_ATOMS: atom_id res chain seq x y z
N ALA A 1 -2.71 20.40 -6.31
CA ALA A 1 -1.46 20.39 -7.05
C ALA A 1 -0.84 18.99 -7.06
N ARG A 2 0.04 18.75 -8.03
CA ARG A 2 0.69 17.46 -8.13
C ARG A 2 1.66 17.24 -6.98
N GLN A 3 2.41 18.29 -6.62
CA GLN A 3 3.36 18.21 -5.53
C GLN A 3 2.79 18.93 -4.32
N VAL A 4 2.84 18.26 -3.16
CA VAL A 4 2.28 18.81 -1.93
C VAL A 4 3.20 18.52 -0.75
N ILE A 5 2.98 19.26 0.33
CA ILE A 5 3.77 19.11 1.55
C ILE A 5 3.30 17.93 2.38
N CYS A 6 1.99 17.73 2.47
CA CYS A 6 1.40 16.88 3.50
C CYS A 6 0.88 15.57 2.94
N TRP A 7 1.36 14.46 3.50
CA TRP A 7 1.09 13.12 3.02
C TRP A 7 0.78 12.17 4.17
N CYS A 8 -0.19 11.29 3.96
CA CYS A 8 -0.42 10.16 4.86
C CYS A 8 0.11 8.89 4.22
N PHE A 9 0.41 7.90 5.05
CA PHE A 9 0.88 6.64 4.50
C PHE A 9 0.60 5.49 5.45
N THR A 10 0.59 4.30 4.88
CA THR A 10 0.73 3.07 5.64
C THR A 10 1.86 2.25 5.04
N LEU A 11 2.52 1.48 5.89
CA LEU A 11 3.62 0.61 5.47
C LEU A 11 3.35 -0.77 6.04
N ASN A 12 3.04 -1.73 5.17
CA ASN A 12 2.66 -3.06 5.63
C ASN A 12 3.88 -3.88 6.01
N ASN A 13 3.76 -4.58 7.13
CA ASN A 13 4.77 -5.48 7.68
C ASN A 13 6.18 -4.87 7.59
N PRO A 14 6.41 -3.74 8.26
CA PRO A 14 7.67 -3.02 8.11
C PRO A 14 8.86 -3.80 8.66
N LEU A 15 10.03 -3.50 8.09
CA LEU A 15 11.24 -4.21 8.44
C LEU A 15 12.09 -3.53 9.51
N SER A 16 11.89 -2.27 9.76
CA SER A 16 12.68 -1.57 10.78
C SER A 16 12.02 -0.22 11.01
N PRO A 17 12.42 0.52 12.04
CA PRO A 17 11.79 1.82 12.31
C PRO A 17 12.10 2.83 11.23
N LEU A 18 11.24 3.83 11.13
CA LEU A 18 11.42 4.90 10.16
C LEU A 18 12.39 5.95 10.69
N SER A 19 12.85 6.80 9.78
CA SER A 19 13.75 7.88 10.15
C SER A 19 13.26 9.18 9.55
N LEU A 20 13.68 10.29 10.18
CA LEU A 20 13.36 11.62 9.68
C LEU A 20 14.53 11.99 8.75
N HIS A 21 14.31 11.82 7.45
CA HIS A 21 15.33 12.21 6.48
C HIS A 21 15.36 13.73 6.37
N ASP A 22 16.44 14.24 5.75
CA ASP A 22 16.63 15.68 5.73
C ASP A 22 15.56 16.38 4.91
N SER A 23 14.87 15.67 4.03
CA SER A 23 13.79 16.27 3.26
C SER A 23 12.49 16.37 4.06
N MET A 24 12.41 15.76 5.22
CA MET A 24 11.17 15.69 5.99
C MET A 24 11.20 16.73 7.10
N LYS A 25 10.09 17.44 7.28
CA LYS A 25 9.98 18.41 8.37
C LYS A 25 9.36 17.80 9.63
N TYR A 26 8.33 16.96 9.48
CA TYR A 26 7.60 16.38 10.59
C TYR A 26 7.14 14.99 10.18
N LEU A 27 7.20 14.07 11.14
CA LEU A 27 6.72 12.71 10.97
C LEU A 27 6.07 12.26 12.26
N VAL A 28 4.88 11.69 12.17
CA VAL A 28 4.30 10.96 13.30
C VAL A 28 3.78 9.65 12.78
N TYR A 29 4.02 8.57 13.52
CA TYR A 29 3.49 7.29 13.10
C TYR A 29 3.38 6.36 14.30
N GLN A 30 2.65 5.27 14.07
CA GLN A 30 2.51 4.24 15.08
C GLN A 30 2.33 2.91 14.38
N THR A 31 2.42 1.83 15.15
CA THR A 31 2.23 0.49 14.63
C THR A 31 0.83 0.02 15.00
N GLU A 32 0.10 -0.52 14.02
CA GLU A 32 -1.26 -0.96 14.21
C GLU A 32 -1.43 -2.40 13.76
N GLN A 33 -2.36 -3.10 14.40
CA GLN A 33 -2.75 -4.44 14.01
C GLN A 33 -3.67 -4.38 12.80
N GLY A 34 -3.30 -5.08 11.74
CA GLY A 34 -4.15 -5.28 10.59
C GLY A 34 -4.80 -6.65 10.61
N GLU A 35 -5.49 -6.97 9.53
CA GLU A 35 -6.18 -8.25 9.37
C GLU A 35 -5.26 -9.29 8.75
N ALA A 36 -5.66 -10.55 8.88
CA ALA A 36 -4.93 -11.66 8.28
C ALA A 36 -3.48 -11.72 8.78
N GLY A 37 -3.25 -11.27 10.01
CA GLY A 37 -1.93 -11.33 10.60
C GLY A 37 -1.00 -10.19 10.22
N ASN A 38 -1.42 -9.31 9.31
CA ASN A 38 -0.59 -8.18 8.92
C ASN A 38 -0.57 -7.14 10.03
N ILE A 39 0.51 -6.39 10.08
CA ILE A 39 0.58 -5.16 10.87
C ILE A 39 1.07 -4.07 9.93
N HIS A 40 0.93 -2.82 10.37
CA HIS A 40 1.43 -1.75 9.53
C HIS A 40 1.80 -0.55 10.38
N PHE A 41 2.75 0.24 9.88
CA PHE A 41 2.86 1.62 10.35
C PHE A 41 1.74 2.42 9.70
N GLN A 42 1.13 3.31 10.49
CA GLN A 42 0.20 4.32 10.01
C GLN A 42 0.82 5.66 10.36
N GLY A 43 1.01 6.53 9.36
CA GLY A 43 1.73 7.76 9.63
C GLY A 43 1.28 8.94 8.81
N TYR A 44 1.88 10.07 9.18
CA TYR A 44 1.62 11.38 8.59
C TYR A 44 2.94 12.11 8.51
N ILE A 45 3.21 12.71 7.35
CA ILE A 45 4.45 13.40 7.10
C ILE A 45 4.15 14.79 6.55
N GLU A 46 4.90 15.77 7.00
CA GLU A 46 4.98 17.07 6.35
C GLU A 46 6.41 17.23 5.84
N MET A 47 6.55 17.36 4.54
CA MET A 47 7.84 17.56 3.91
C MET A 47 8.28 19.02 4.06
N LYS A 48 9.60 19.24 3.93
CA LYS A 48 10.10 20.61 3.93
C LYS A 48 9.70 21.35 2.65
N LYS A 49 9.55 20.63 1.55
CA LYS A 49 9.25 21.21 0.24
C LYS A 49 8.16 20.36 -0.41
N ARG A 50 7.39 20.97 -1.32
CA ARG A 50 6.34 20.23 -2.01
C ARG A 50 6.97 19.06 -2.77
N THR A 51 6.36 17.88 -2.64
CA THR A 51 6.92 16.64 -3.14
C THR A 51 5.84 15.86 -3.88
N SER A 52 6.23 15.20 -4.97
CA SER A 52 5.33 14.38 -5.75
C SER A 52 5.16 12.99 -5.13
N LEU A 53 4.13 12.29 -5.60
CA LEU A 53 3.93 10.89 -5.20
C LEU A 53 5.19 10.07 -5.47
N ALA A 54 5.78 10.24 -6.67
CA ALA A 54 6.98 9.48 -6.99
C ALA A 54 8.10 9.75 -6.00
N GLY A 55 8.24 11.01 -5.58
CA GLY A 55 9.24 11.33 -4.59
C GLY A 55 8.96 10.69 -3.23
N MET A 56 7.69 10.65 -2.83
CA MET A 56 7.36 10.00 -1.57
C MET A 56 7.62 8.50 -1.63
N LYS A 57 7.33 7.86 -2.77
CA LYS A 57 7.57 6.43 -2.89
C LYS A 57 9.05 6.11 -2.77
N LYS A 58 9.92 6.99 -3.26
CA LYS A 58 11.35 6.79 -3.04
C LYS A 58 11.73 7.04 -1.58
N LEU A 59 11.03 7.96 -0.92
CA LEU A 59 11.33 8.29 0.47
C LEU A 59 11.08 7.10 1.38
N ILE A 60 9.94 6.43 1.23
CA ILE A 60 9.63 5.24 2.03
C ILE A 60 9.21 4.11 1.10
N PRO A 61 10.16 3.28 0.65
CA PRO A 61 9.81 2.13 -0.17
C PRO A 61 8.78 1.26 0.52
N GLY A 62 7.87 0.73 -0.28
CA GLY A 62 6.86 -0.19 0.19
C GLY A 62 5.62 0.46 0.75
N ALA A 63 5.66 1.76 1.04
CA ALA A 63 4.54 2.43 1.67
C ALA A 63 3.50 2.85 0.66
N HIS A 64 2.25 2.83 1.10
CA HIS A 64 1.11 3.33 0.33
C HIS A 64 0.83 4.75 0.78
N PHE A 65 1.07 5.70 -0.12
CA PHE A 65 0.91 7.11 0.17
C PHE A 65 -0.40 7.66 -0.39
N GLU A 66 -0.96 8.64 0.30
CA GLU A 66 -2.07 9.43 -0.21
C GLU A 66 -1.86 10.87 0.26
N LYS A 67 -2.22 11.84 -0.57
CA LYS A 67 -2.17 13.22 -0.14
C LYS A 67 -3.08 13.41 1.07
N ARG A 68 -2.66 14.22 2.01
CA ARG A 68 -3.39 14.34 3.27
C ARG A 68 -4.84 14.75 3.01
N ARG A 69 -5.76 13.97 3.57
CA ARG A 69 -7.17 14.33 3.66
C ARG A 69 -7.39 15.09 4.96
N GLY A 70 -8.35 16.00 4.93
CA GLY A 70 -8.73 16.71 6.14
C GLY A 70 -7.67 17.68 6.62
N THR A 71 -7.78 18.02 7.90
CA THR A 71 -6.90 18.98 8.52
C THR A 71 -5.63 18.31 9.05
N GLN A 72 -4.64 19.14 9.36
CA GLN A 72 -3.43 18.65 10.01
C GLN A 72 -3.76 17.91 11.30
N GLY A 73 -4.64 18.48 12.12
CA GLY A 73 -4.98 17.85 13.38
C GLY A 73 -5.66 16.51 13.21
N GLU A 74 -6.50 16.40 12.19
CA GLU A 74 -7.17 15.13 11.90
C GLU A 74 -6.17 14.08 11.45
N ALA A 75 -5.25 14.46 10.55
CA ALA A 75 -4.29 13.49 10.04
C ALA A 75 -3.37 13.02 11.17
N ARG A 76 -2.96 13.94 12.04
CA ARG A 76 -2.16 13.53 13.19
C ARG A 76 -2.96 12.61 14.10
N ALA A 77 -4.22 12.96 14.37
CA ALA A 77 -5.02 12.13 15.26
C ALA A 77 -5.16 10.73 14.70
N TYR A 78 -5.35 10.61 13.39
CA TYR A 78 -5.53 9.30 12.79
C TYR A 78 -4.29 8.45 12.91
N SER A 79 -3.12 9.07 12.94
CA SER A 79 -1.84 8.37 13.07
C SER A 79 -1.41 8.20 14.52
N MET A 80 -2.26 8.62 15.47
CA MET A 80 -1.98 8.53 16.90
C MET A 80 -3.11 7.85 17.65
N LYS A 81 -4.08 7.28 16.95
CA LYS A 81 -5.28 6.78 17.58
C LYS A 81 -5.01 5.50 18.35
N GLU A 82 -5.74 5.32 19.44
CA GLU A 82 -5.58 4.13 20.25
C GLU A 82 -6.12 2.90 19.56
N ASP A 83 -7.14 3.08 18.71
CA ASP A 83 -7.85 2.02 18.04
C ASP A 83 -6.89 1.31 17.12
N THR A 84 -6.61 0.05 17.44
CA THR A 84 -5.75 -0.97 16.80
C THR A 84 -4.27 -0.81 17.11
N ARG A 85 -3.88 0.14 17.92
CA ARG A 85 -2.48 0.39 18.15
C ARG A 85 -1.80 -0.76 18.87
N LEU A 86 -0.62 -1.11 18.40
CA LEU A 86 0.28 -2.05 19.05
C LEU A 86 1.48 -1.39 19.70
N GLU A 87 2.02 -0.34 19.11
CA GLU A 87 3.19 0.34 19.62
C GLU A 87 3.16 1.77 19.11
N GLY A 88 3.84 2.65 19.82
CA GLY A 88 3.92 4.04 19.44
C GLY A 88 2.87 4.89 20.14
N PRO A 89 2.58 6.09 19.63
CA PRO A 89 3.18 6.72 18.45
C PRO A 89 4.54 7.29 18.75
N TRP A 90 5.21 7.71 17.68
CA TRP A 90 6.48 8.41 17.75
C TRP A 90 6.37 9.65 16.90
N GLU A 91 6.84 10.78 17.42
CA GLU A 91 6.77 12.05 16.72
C GLU A 91 8.18 12.61 16.54
N TYR A 92 8.47 13.04 15.32
CA TYR A 92 9.77 13.58 14.97
C TYR A 92 9.62 14.90 14.24
N GLY A 93 10.59 15.80 14.46
CA GLY A 93 10.60 17.04 13.72
C GLY A 93 9.72 18.11 14.35
N GLU A 94 9.18 18.97 13.50
CA GLU A 94 8.51 20.18 13.96
C GLU A 94 7.23 20.34 13.17
N LEU A 95 6.10 20.45 13.86
CA LEU A 95 4.79 20.59 13.21
C LEU A 95 4.68 21.80 12.30
N ALA B 1 -16.80 4.16 -12.60
CA ALA B 1 -17.79 3.79 -11.59
C ALA B 1 -17.10 3.48 -10.26
N ARG B 2 -17.86 3.54 -9.17
CA ARG B 2 -17.29 3.27 -7.86
C ARG B 2 -16.91 1.81 -7.71
N GLN B 3 -17.77 0.91 -8.18
CA GLN B 3 -17.51 -0.52 -8.11
C GLN B 3 -17.12 -1.02 -9.49
N VAL B 4 -16.02 -1.77 -9.55
CA VAL B 4 -15.48 -2.25 -10.82
C VAL B 4 -15.03 -3.70 -10.65
N ILE B 5 -14.85 -4.37 -11.79
CA ILE B 5 -14.41 -5.75 -11.84
C ILE B 5 -12.90 -5.87 -11.66
N CYS B 6 -12.13 -4.96 -12.28
CA CYS B 6 -10.71 -5.19 -12.52
C CYS B 6 -9.86 -4.29 -11.63
N TRP B 7 -8.98 -4.93 -10.85
CA TRP B 7 -8.19 -4.26 -9.83
C TRP B 7 -6.75 -4.74 -9.89
N CYS B 8 -5.82 -3.82 -9.75
CA CYS B 8 -4.41 -4.15 -9.52
C CYS B 8 -4.06 -3.91 -8.06
N PHE B 9 -3.03 -4.59 -7.59
CA PHE B 9 -2.61 -4.38 -6.21
C PHE B 9 -1.13 -4.69 -6.03
N THR B 10 -0.58 -4.13 -4.95
CA THR B 10 0.69 -4.57 -4.41
C THR B 10 0.49 -4.86 -2.92
N LEU B 11 1.27 -5.79 -2.40
CA LEU B 11 1.16 -6.16 -0.98
C LEU B 11 2.57 -6.24 -0.44
N ASN B 12 2.95 -5.31 0.44
CA ASN B 12 4.31 -5.23 0.94
C ASN B 12 4.57 -6.28 2.00
N ASN B 13 5.73 -6.92 1.90
CA ASN B 13 6.24 -7.91 2.83
C ASN B 13 5.17 -8.92 3.28
N PRO B 14 4.58 -9.65 2.34
CA PRO B 14 3.49 -10.55 2.71
C PRO B 14 3.98 -11.69 3.59
N LEU B 15 3.10 -12.16 4.44
CA LEU B 15 3.37 -13.28 5.34
C LEU B 15 2.73 -14.57 4.89
N SER B 16 1.87 -14.54 3.89
CA SER B 16 1.19 -15.74 3.44
C SER B 16 0.82 -15.59 1.98
N PRO B 17 0.61 -16.72 1.28
CA PRO B 17 0.24 -16.68 -0.14
C PRO B 17 -1.21 -16.28 -0.32
N LEU B 18 -1.53 -15.86 -1.54
CA LEU B 18 -2.89 -15.54 -1.93
C LEU B 18 -3.51 -16.75 -2.62
N SER B 19 -4.83 -16.79 -2.63
CA SER B 19 -5.56 -17.85 -3.30
C SER B 19 -6.82 -17.27 -3.92
N LEU B 20 -7.43 -18.04 -4.82
CA LEU B 20 -8.63 -17.62 -5.52
C LEU B 20 -9.87 -17.93 -4.70
N HIS B 21 -10.45 -16.93 -4.05
CA HIS B 21 -11.71 -17.07 -3.32
C HIS B 21 -12.89 -17.04 -4.28
N ASP B 22 -14.04 -17.52 -3.81
CA ASP B 22 -15.16 -17.70 -4.74
C ASP B 22 -15.78 -16.40 -5.23
N SER B 23 -15.45 -15.26 -4.63
CA SER B 23 -15.84 -13.96 -5.17
C SER B 23 -14.95 -13.53 -6.35
N MET B 24 -13.84 -14.21 -6.57
CA MET B 24 -12.85 -13.81 -7.56
C MET B 24 -12.97 -14.70 -8.79
N LYS B 25 -12.91 -14.09 -9.96
CA LYS B 25 -12.91 -14.85 -11.20
C LYS B 25 -11.50 -15.20 -11.65
N TYR B 26 -10.54 -14.28 -11.43
CA TYR B 26 -9.17 -14.44 -11.91
C TYR B 26 -8.22 -13.73 -10.96
N LEU B 27 -7.06 -14.35 -10.74
CA LEU B 27 -5.98 -13.76 -9.97
C LEU B 27 -4.67 -14.15 -10.63
N VAL B 28 -3.80 -13.18 -10.87
CA VAL B 28 -2.43 -13.46 -11.25
C VAL B 28 -1.54 -12.58 -10.39
N TYR B 29 -0.46 -13.14 -9.86
CA TYR B 29 0.44 -12.33 -9.06
C TYR B 29 1.81 -12.97 -9.04
N GLN B 30 2.78 -12.19 -8.58
CA GLN B 30 4.12 -12.68 -8.39
C GLN B 30 4.77 -11.91 -7.24
N THR B 31 5.89 -12.40 -6.76
CA THR B 31 6.65 -11.75 -5.70
C THR B 31 7.82 -11.02 -6.34
N GLU B 32 8.00 -9.76 -5.97
CA GLU B 32 9.02 -8.90 -6.56
C GLU B 32 9.89 -8.29 -5.49
N GLN B 33 11.12 -7.98 -5.88
CA GLN B 33 12.06 -7.28 -5.03
C GLN B 33 11.76 -5.79 -5.03
N GLY B 34 11.57 -5.21 -3.84
CA GLY B 34 11.51 -3.79 -3.67
C GLY B 34 12.81 -3.23 -3.13
N GLU B 35 12.77 -1.95 -2.82
CA GLU B 35 13.94 -1.26 -2.29
C GLU B 35 14.02 -1.42 -0.78
N ALA B 36 15.20 -1.14 -0.23
CA ALA B 36 15.40 -1.12 1.22
C ALA B 36 15.08 -2.47 1.87
N GLY B 37 15.27 -3.56 1.13
CA GLY B 37 15.02 -4.87 1.64
C GLY B 37 13.58 -5.34 1.57
N ASN B 38 12.66 -4.49 1.15
CA ASN B 38 11.26 -4.87 1.07
C ASN B 38 11.05 -5.80 -0.13
N ILE B 39 10.02 -6.62 -0.05
CA ILE B 39 9.50 -7.35 -1.19
C ILE B 39 8.01 -7.08 -1.25
N HIS B 40 7.38 -7.43 -2.36
CA HIS B 40 5.94 -7.27 -2.45
C HIS B 40 5.35 -8.26 -3.44
N PHE B 41 4.10 -8.63 -3.21
CA PHE B 41 3.31 -9.19 -4.30
C PHE B 41 2.88 -8.06 -5.22
N GLN B 42 2.90 -8.34 -6.52
CA GLN B 42 2.32 -7.49 -7.54
C GLN B 42 1.28 -8.34 -8.23
N GLY B 43 0.03 -7.86 -8.28
CA GLY B 43 -1.01 -8.70 -8.82
C GLY B 43 -2.11 -7.95 -9.54
N TYR B 44 -2.98 -8.76 -10.15
CA TYR B 44 -4.11 -8.30 -10.94
C TYR B 44 -5.25 -9.28 -10.67
N ILE B 45 -6.43 -8.73 -10.38
CA ILE B 45 -7.63 -9.50 -10.06
C ILE B 45 -8.77 -9.04 -10.94
N GLU B 46 -9.56 -10.00 -11.40
CA GLU B 46 -10.88 -9.74 -11.95
C GLU B 46 -11.90 -10.41 -11.04
N MET B 47 -12.78 -9.61 -10.47
CA MET B 47 -13.82 -10.15 -9.59
C MET B 47 -14.96 -10.70 -10.44
N LYS B 48 -15.77 -11.59 -9.84
CA LYS B 48 -16.96 -12.07 -10.53
C LYS B 48 -18.00 -10.97 -10.67
N LYS B 49 -18.03 -10.03 -9.73
CA LYS B 49 -19.03 -8.98 -9.67
C LYS B 49 -18.33 -7.67 -9.36
N ARG B 50 -18.92 -6.56 -9.79
CA ARG B 50 -18.32 -5.25 -9.53
C ARG B 50 -18.17 -5.03 -8.03
N THR B 51 -16.98 -4.60 -7.62
CA THR B 51 -16.61 -4.52 -6.21
C THR B 51 -15.99 -3.16 -5.93
N SER B 52 -16.29 -2.62 -4.75
CA SER B 52 -15.73 -1.36 -4.32
C SER B 52 -14.32 -1.53 -3.75
N LEU B 53 -13.63 -0.39 -3.62
CA LEU B 53 -12.33 -0.39 -2.96
C LEU B 53 -12.42 -0.99 -1.56
N ALA B 54 -13.45 -0.61 -0.79
CA ALA B 54 -13.58 -1.15 0.56
C ALA B 54 -13.71 -2.66 0.54
N GLY B 55 -14.43 -3.20 -0.44
CA GLY B 55 -14.56 -4.64 -0.55
C GLY B 55 -13.24 -5.31 -0.88
N MET B 56 -12.46 -4.69 -1.76
CA MET B 56 -11.15 -5.25 -2.12
C MET B 56 -10.21 -5.24 -0.93
N LYS B 57 -10.23 -4.17 -0.14
CA LYS B 57 -9.37 -4.09 1.03
C LYS B 57 -9.70 -5.19 2.04
N LYS B 58 -10.98 -5.56 2.16
CA LYS B 58 -11.34 -6.68 3.03
C LYS B 58 -10.86 -8.00 2.44
N LEU B 59 -10.89 -8.12 1.11
CA LEU B 59 -10.48 -9.35 0.45
C LEU B 59 -8.99 -9.63 0.63
N ILE B 60 -8.15 -8.62 0.47
CA ILE B 60 -6.70 -8.79 0.68
C ILE B 60 -6.20 -7.73 1.65
N PRO B 61 -6.20 -8.05 2.94
CA PRO B 61 -5.61 -7.13 3.92
C PRO B 61 -4.16 -6.82 3.59
N GLY B 62 -3.79 -5.58 3.89
CA GLY B 62 -2.44 -5.13 3.70
C GLY B 62 -2.12 -4.63 2.31
N ALA B 63 -2.99 -4.89 1.33
CA ALA B 63 -2.71 -4.56 -0.06
C ALA B 63 -3.13 -3.15 -0.39
N HIS B 64 -2.36 -2.54 -1.28
CA HIS B 64 -2.64 -1.26 -1.88
C HIS B 64 -3.29 -1.52 -3.23
N PHE B 65 -4.57 -1.20 -3.36
CA PHE B 65 -5.36 -1.44 -4.56
C PHE B 65 -5.50 -0.18 -5.39
N GLU B 66 -5.57 -0.38 -6.70
CA GLU B 66 -5.94 0.66 -7.65
C GLU B 66 -6.78 0.03 -8.74
N LYS B 67 -7.77 0.76 -9.23
CA LYS B 67 -8.54 0.27 -10.37
C LYS B 67 -7.59 0.02 -11.54
N ARG B 68 -7.83 -1.03 -12.29
CA ARG B 68 -6.88 -1.42 -13.32
C ARG B 68 -6.65 -0.30 -14.32
N ARG B 69 -5.38 0.04 -14.53
CA ARG B 69 -4.95 0.92 -15.61
C ARG B 69 -4.65 0.09 -16.85
N GLY B 70 -4.86 0.68 -18.03
CA GLY B 70 -4.53 0.03 -19.28
C GLY B 70 -5.44 -1.15 -19.59
N THR B 71 -4.95 -2.01 -20.48
CA THR B 71 -5.71 -3.14 -20.93
C THR B 71 -5.55 -4.34 -19.99
N GLN B 72 -6.45 -5.30 -20.15
CA GLN B 72 -6.33 -6.56 -19.43
C GLN B 72 -4.97 -7.20 -19.67
N GLY B 73 -4.54 -7.25 -20.93
CA GLY B 73 -3.27 -7.89 -21.24
C GLY B 73 -2.08 -7.18 -20.62
N GLU B 74 -2.14 -5.85 -20.57
CA GLU B 74 -1.08 -5.08 -19.93
C GLU B 74 -1.02 -5.34 -18.43
N ALA B 75 -2.18 -5.34 -17.77
CA ALA B 75 -2.21 -5.55 -16.33
C ALA B 75 -1.70 -6.94 -15.97
N ARG B 76 -2.09 -7.94 -16.76
CA ARG B 76 -1.59 -9.28 -16.56
C ARG B 76 -0.08 -9.31 -16.78
N ALA B 77 0.39 -8.71 -17.88
CA ALA B 77 1.82 -8.71 -18.16
C ALA B 77 2.62 -8.06 -17.05
N TYR B 78 2.11 -6.97 -16.49
CA TYR B 78 2.83 -6.27 -15.44
C TYR B 78 2.95 -7.12 -14.18
N SER B 79 2.00 -8.01 -13.94
CA SER B 79 2.00 -8.91 -12.80
C SER B 79 2.73 -10.21 -13.06
N MET B 80 3.34 -10.35 -14.25
CA MET B 80 4.09 -11.53 -14.64
C MET B 80 5.48 -11.18 -15.15
N LYS B 81 5.91 -9.93 -15.02
CA LYS B 81 7.11 -9.47 -15.68
C LYS B 81 8.37 -10.05 -15.04
N GLU B 82 9.42 -10.24 -15.86
CA GLU B 82 10.67 -10.76 -15.34
C GLU B 82 11.38 -9.75 -14.46
N ASP B 83 11.27 -8.46 -14.78
CA ASP B 83 11.99 -7.41 -14.07
C ASP B 83 11.57 -7.37 -12.61
N THR B 84 12.53 -7.61 -11.71
CA THR B 84 12.41 -7.60 -10.25
C THR B 84 11.78 -8.88 -9.69
N ARG B 85 11.41 -9.85 -10.52
CA ARG B 85 10.71 -11.00 -10.00
C ARG B 85 11.62 -11.84 -9.12
N LEU B 86 11.08 -12.28 -7.98
CA LEU B 86 11.73 -13.23 -7.09
C LEU B 86 11.08 -14.60 -7.10
N GLU B 87 9.75 -14.66 -7.17
CA GLU B 87 9.05 -15.92 -7.13
C GLU B 87 7.76 -15.77 -7.92
N GLY B 88 7.23 -16.89 -8.39
CA GLY B 88 6.01 -16.88 -9.17
C GLY B 88 6.32 -16.80 -10.65
N PRO B 89 5.35 -16.38 -11.47
CA PRO B 89 4.01 -15.96 -11.08
C PRO B 89 3.11 -17.13 -10.78
N TRP B 90 1.94 -16.82 -10.24
CA TRP B 90 0.87 -17.77 -10.00
C TRP B 90 -0.36 -17.21 -10.67
N GLU B 91 -1.04 -18.04 -11.45
CA GLU B 91 -2.21 -17.62 -12.20
C GLU B 91 -3.35 -18.58 -11.91
N TYR B 92 -4.47 -18.05 -11.45
CA TYR B 92 -5.60 -18.86 -11.03
C TYR B 92 -6.87 -18.31 -11.66
N GLY B 93 -7.82 -19.20 -11.96
CA GLY B 93 -9.09 -18.78 -12.50
C GLY B 93 -9.01 -18.55 -14.01
N GLU B 94 -9.88 -17.67 -14.49
CA GLU B 94 -10.05 -17.42 -15.92
C GLU B 94 -10.30 -15.95 -16.21
N LEU B 95 -9.58 -15.39 -17.18
CA LEU B 95 -9.83 -14.01 -17.61
C LEU B 95 -11.25 -13.90 -18.17
S SO4 C . -5.23 -4.29 6.99
O1 SO4 C . -4.19 -5.25 7.19
O2 SO4 C . -4.86 -3.00 7.54
O3 SO4 C . -5.48 -4.18 5.54
O4 SO4 C . -6.46 -4.80 7.63
S SO4 D . -0.06 21.03 0.91
O1 SO4 D . 1.13 21.31 0.10
O2 SO4 D . -0.16 22.05 1.96
O3 SO4 D . -1.25 21.11 0.06
O4 SO4 D . -0.01 19.69 1.53
S SO4 E . 19.34 11.73 4.79
O1 SO4 E . 20.73 11.99 5.20
O2 SO4 E . 18.66 13.02 4.73
O3 SO4 E . 19.32 11.20 3.44
O4 SO4 E . 18.66 10.83 5.71
S SO4 F . 9.34 -0.58 -3.36
O1 SO4 F . 10.64 -0.21 -3.92
O2 SO4 F . 8.64 0.65 -3.02
O3 SO4 F . 8.55 -1.37 -4.29
O4 SO4 F . 9.64 -1.36 -2.15
S SO4 G . -14.46 -2.82 -15.03
O1 SO4 G . -13.20 -3.15 -14.32
O2 SO4 G . -14.43 -1.42 -15.42
O3 SO4 G . -14.55 -3.65 -16.24
O4 SO4 G . -15.64 -3.10 -14.19
S SO4 H . -10.23 -1.61 -21.67
O1 SO4 H . -9.27 -1.98 -22.70
O2 SO4 H . -9.59 -0.71 -20.71
O3 SO4 H . -10.68 -2.81 -20.97
O4 SO4 H . -11.39 -0.94 -22.27
S SO4 I . 0.15 7.82 -16.65
O1 SO4 I . -0.33 9.17 -16.37
O2 SO4 I . 1.53 7.87 -17.11
O3 SO4 I . -0.68 7.19 -17.68
O4 SO4 I . 0.06 7.03 -15.42
S SO4 J . -5.75 3.99 -19.32
O1 SO4 J . -4.82 3.99 -20.46
O2 SO4 J . -6.32 5.33 -19.18
O3 SO4 J . -6.83 3.05 -19.59
O4 SO4 J . -5.06 3.63 -18.09
#